data_7HGP
#
_entry.id   7HGP
#
_cell.length_a   41.544
_cell.length_b   42.085
_cell.length_c   159.275
_cell.angle_alpha   90.00
_cell.angle_beta   90.00
_cell.angle_gamma   90.00
#
_symmetry.space_group_name_H-M   'P 21 21 21'
#
loop_
_entity.id
_entity.type
_entity.pdbx_description
1 polymer 'Hepatoma-derived growth factor-related protein 2'
2 non-polymer 'SULFATE ION'
3 non-polymer 1,2-ETHANEDIOL
4 non-polymer 2-(4-fluorophenoxy)-1-(pyrrolidin-1-yl)ethan-1-one
5 water water
#
_entity_poly.entity_id   1
_entity_poly.type   'polypeptide(L)'
_entity_poly.pdbx_seq_one_letter_code
;GMPHAFKPGDLVFAKMKGYPHWPARIDDIADGAVKPPPNKYPIFFFGTHETAFLGPKDLFPYDKSKDKYGKPNKRKGFNE
GLWEIQNNPHASYS
;
_entity_poly.pdbx_strand_id   A,B,C
#
loop_
_chem_comp.id
_chem_comp.type
_chem_comp.name
_chem_comp.formula
EDO non-polymer 1,2-ETHANEDIOL 'C2 H6 O2'
I8G non-polymer 2-(4-fluorophenoxy)-1-(pyrrolidin-1-yl)ethan-1-one 'C12 H14 F N O2'
SO4 non-polymer 'SULFATE ION' 'O4 S -2'
#
# COMPACT_ATOMS: atom_id res chain seq x y z
N MET A 2 -6.63 -3.63 26.98
CA MET A 2 -5.42 -4.49 26.84
C MET A 2 -5.15 -4.76 25.35
N PRO A 3 -3.86 -4.92 24.99
CA PRO A 3 -3.46 -5.23 23.61
C PRO A 3 -4.11 -6.52 23.10
N HIS A 4 -4.34 -6.54 21.79
CA HIS A 4 -4.77 -7.76 21.13
C HIS A 4 -3.52 -8.28 20.44
N ALA A 5 -3.65 -9.39 19.71
CA ALA A 5 -2.64 -9.75 18.73
C ALA A 5 -2.68 -8.75 17.57
N PHE A 6 -1.56 -8.67 16.85
CA PHE A 6 -1.48 -7.90 15.61
C PHE A 6 -2.56 -8.35 14.62
N LYS A 7 -3.10 -7.35 13.90
CA LYS A 7 -4.06 -7.66 12.86
C LYS A 7 -3.76 -6.74 11.68
N PRO A 8 -4.20 -7.10 10.46
CA PRO A 8 -4.03 -6.22 9.31
C PRO A 8 -4.59 -4.83 9.58
N GLY A 9 -3.86 -3.80 9.12
CA GLY A 9 -4.25 -2.43 9.37
C GLY A 9 -3.51 -1.80 10.55
N ASP A 10 -3.00 -2.64 11.48
CA ASP A 10 -2.24 -2.04 12.56
C ASP A 10 -1.00 -1.30 12.07
N LEU A 11 -0.72 -0.13 12.68
CA LEU A 11 0.43 0.71 12.33
C LEU A 11 1.53 0.46 13.35
N VAL A 12 2.77 0.41 12.84
CA VAL A 12 3.89 0.07 13.70
C VAL A 12 5.13 0.82 13.23
N PHE A 13 6.19 0.75 14.05
CA PHE A 13 7.50 0.84 13.50
C PHE A 13 8.06 -0.59 13.52
N ALA A 14 8.72 -0.96 12.41
CA ALA A 14 9.17 -2.34 12.28
C ALA A 14 10.71 -2.32 12.18
N LYS A 15 11.33 -3.27 12.89
CA LYS A 15 12.79 -3.26 12.94
C LYS A 15 13.33 -4.40 12.08
N MET A 16 14.26 -4.04 11.18
CA MET A 16 15.04 -4.98 10.39
C MET A 16 16.50 -4.74 10.76
N LYS A 17 17.30 -5.80 10.67
CA LYS A 17 18.74 -5.73 10.89
C LYS A 17 19.34 -4.64 10.02
N GLY A 18 20.11 -3.73 10.63
CA GLY A 18 20.87 -2.78 9.85
C GLY A 18 20.09 -1.51 9.53
N TYR A 19 18.79 -1.48 9.89
CA TYR A 19 17.98 -0.32 9.57
C TYR A 19 17.35 0.30 10.81
N PRO A 20 17.02 1.61 10.77
CA PRO A 20 16.32 2.24 11.90
C PRO A 20 14.90 1.65 11.92
N HIS A 21 14.27 1.67 13.11
CA HIS A 21 12.86 1.36 13.30
C HIS A 21 12.07 2.15 12.25
N TRP A 22 11.27 1.45 11.42
CA TRP A 22 10.79 2.01 10.17
C TRP A 22 9.27 2.10 10.21
N PRO A 23 8.64 3.22 9.82
CA PRO A 23 7.17 3.25 9.77
C PRO A 23 6.60 2.20 8.79
N ALA A 24 5.58 1.46 9.24
CA ALA A 24 5.10 0.31 8.49
C ALA A 24 3.68 -0.01 8.96
N ARG A 25 3.03 -0.90 8.22
CA ARG A 25 1.73 -1.44 8.63
C ARG A 25 1.69 -2.96 8.46
N ILE A 26 0.82 -3.59 9.24
CA ILE A 26 0.52 -5.01 9.03
C ILE A 26 -0.39 -5.09 7.82
N ASP A 27 0.03 -5.81 6.79
CA ASP A 27 -0.78 -5.91 5.57
C ASP A 27 -1.75 -7.08 5.65
N ASP A 28 -2.79 -7.03 4.80
CA ASP A 28 -3.59 -8.20 4.50
C ASP A 28 -2.80 -9.04 3.51
N ILE A 29 -3.18 -10.31 3.38
CA ILE A 29 -2.68 -11.12 2.27
C ILE A 29 -3.83 -11.24 1.29
N ALA A 30 -3.61 -10.85 0.03
CA ALA A 30 -4.68 -10.91 -0.99
C ALA A 30 -4.98 -12.37 -1.30
N ASP A 31 -6.22 -12.65 -1.72
CA ASP A 31 -6.55 -13.96 -2.26
C ASP A 31 -5.54 -14.29 -3.36
N GLY A 32 -4.96 -15.50 -3.29
CA GLY A 32 -4.09 -16.06 -4.30
C GLY A 32 -2.62 -15.67 -4.10
N ALA A 33 -2.33 -14.79 -3.13
CA ALA A 33 -0.97 -14.31 -2.93
C ALA A 33 -0.21 -15.22 -1.97
N VAL A 34 1.12 -15.10 -2.01
CA VAL A 34 2.03 -15.88 -1.18
C VAL A 34 1.82 -15.53 0.30
N LYS A 35 1.63 -16.57 1.14
CA LYS A 35 1.42 -16.39 2.57
C LYS A 35 2.75 -16.26 3.31
N PRO A 36 2.77 -15.64 4.52
CA PRO A 36 4.02 -15.53 5.28
C PRO A 36 4.31 -16.89 5.91
N PRO A 37 5.54 -17.08 6.44
CA PRO A 37 5.82 -18.27 7.26
C PRO A 37 4.97 -18.26 8.52
N PRO A 38 4.76 -19.42 9.18
CA PRO A 38 4.09 -19.46 10.48
C PRO A 38 4.73 -18.42 11.40
N ASN A 39 3.87 -17.82 12.22
CA ASN A 39 4.22 -16.89 13.29
C ASN A 39 4.78 -15.59 12.71
N LYS A 40 4.71 -15.40 11.38
CA LYS A 40 5.16 -14.15 10.78
C LYS A 40 3.98 -13.35 10.22
N TYR A 41 4.17 -12.03 10.14
CA TYR A 41 3.16 -11.15 9.57
C TYR A 41 3.71 -10.51 8.31
N PRO A 42 2.86 -10.17 7.31
CA PRO A 42 3.36 -9.38 6.18
C PRO A 42 3.46 -7.91 6.59
N ILE A 43 4.67 -7.34 6.49
CA ILE A 43 4.86 -5.95 6.91
C ILE A 43 5.07 -5.11 5.65
N PHE A 44 4.25 -4.06 5.49
CA PHE A 44 4.45 -3.15 4.38
C PHE A 44 5.15 -1.90 4.90
N PHE A 45 6.35 -1.61 4.37
CA PHE A 45 7.15 -0.49 4.84
C PHE A 45 6.75 0.75 4.06
N PHE A 46 6.31 1.76 4.81
CA PHE A 46 5.98 3.03 4.15
C PHE A 46 7.24 3.62 3.52
N GLY A 47 7.04 4.42 2.46
CA GLY A 47 8.15 5.14 1.85
C GLY A 47 8.84 4.25 0.81
N THR A 48 9.42 3.11 1.23
CA THR A 48 10.02 2.17 0.28
C THR A 48 8.97 1.35 -0.46
N HIS A 49 7.83 1.12 0.19
CA HIS A 49 6.74 0.30 -0.33
C HIS A 49 7.20 -1.15 -0.52
N GLU A 50 8.14 -1.61 0.31
CA GLU A 50 8.58 -2.99 0.23
C GLU A 50 7.84 -3.81 1.29
N THR A 51 7.79 -5.14 1.09
CA THR A 51 7.17 -6.02 2.07
C THR A 51 8.23 -6.99 2.60
N ALA A 52 8.25 -7.21 3.92
CA ALA A 52 9.03 -8.29 4.51
C ALA A 52 8.15 -9.02 5.53
N PHE A 53 8.59 -10.22 5.96
CA PHE A 53 7.81 -10.98 6.93
C PHE A 53 8.55 -10.92 8.25
N LEU A 54 7.85 -10.45 9.28
CA LEU A 54 8.44 -10.22 10.59
C LEU A 54 7.53 -10.80 11.67
N GLY A 55 8.18 -11.11 12.79
CA GLY A 55 7.38 -11.52 13.92
C GLY A 55 7.27 -10.36 14.95
N PRO A 56 6.39 -10.50 15.97
CA PRO A 56 6.08 -9.44 16.95
C PRO A 56 7.27 -8.84 17.68
N LYS A 57 8.35 -9.63 17.80
CA LYS A 57 9.54 -9.09 18.47
C LYS A 57 10.11 -7.85 17.79
N ASP A 58 9.84 -7.70 16.48
CA ASP A 58 10.36 -6.62 15.69
C ASP A 58 9.28 -5.58 15.39
N LEU A 59 8.11 -5.68 16.05
CA LEU A 59 6.97 -4.79 15.73
C LEU A 59 6.62 -3.91 16.94
N PHE A 60 6.74 -2.58 16.79
CA PHE A 60 6.50 -1.64 17.88
C PHE A 60 5.26 -0.83 17.55
N PRO A 61 4.15 -0.93 18.30
CA PRO A 61 2.94 -0.19 17.94
C PRO A 61 3.20 1.31 17.77
N TYR A 62 2.61 1.92 16.70
CA TYR A 62 3.03 3.24 16.29
C TYR A 62 2.71 4.33 17.33
N ASP A 63 1.49 4.28 17.91
CA ASP A 63 1.07 5.32 18.86
C ASP A 63 2.07 5.43 20.01
N LYS A 64 2.37 4.28 20.63
CA LYS A 64 3.30 4.23 21.76
C LYS A 64 4.72 4.67 21.37
N SER A 65 5.15 4.43 20.10
CA SER A 65 6.57 4.47 19.74
C SER A 65 6.99 5.71 18.96
N LYS A 66 6.03 6.51 18.50
CA LYS A 66 6.35 7.51 17.49
C LYS A 66 7.19 8.65 18.07
N ASP A 67 7.03 8.93 19.38
N ASP A 67 7.01 8.95 19.36
CA ASP A 67 7.79 9.99 20.01
CA ASP A 67 7.82 9.98 20.00
C ASP A 67 9.28 9.64 19.95
C ASP A 67 9.29 9.62 19.78
N LYS A 68 9.60 8.34 19.97
CA LYS A 68 10.98 7.90 19.98
C LYS A 68 11.49 7.64 18.56
N TYR A 69 10.62 7.10 17.68
CA TYR A 69 11.14 6.61 16.42
C TYR A 69 10.66 7.46 15.23
N GLY A 70 9.70 8.35 15.43
CA GLY A 70 9.13 9.05 14.27
C GLY A 70 9.84 10.38 14.04
N LYS A 71 11.14 10.30 13.76
CA LYS A 71 11.96 11.46 13.48
C LYS A 71 12.61 11.27 12.12
N PRO A 72 12.89 12.37 11.39
CA PRO A 72 13.51 12.24 10.08
C PRO A 72 14.80 11.45 10.15
N ASN A 73 15.08 10.74 9.05
CA ASN A 73 16.25 9.89 8.87
C ASN A 73 16.74 10.14 7.46
N LYS A 74 18.02 9.87 7.22
CA LYS A 74 18.63 10.16 5.93
C LYS A 74 18.40 9.00 4.97
N ARG A 75 18.00 7.84 5.50
CA ARG A 75 17.82 6.64 4.67
C ARG A 75 16.71 6.85 3.65
N LYS A 76 16.95 6.30 2.46
CA LYS A 76 16.08 6.40 1.32
C LYS A 76 14.68 5.94 1.70
N GLY A 77 13.70 6.82 1.50
CA GLY A 77 12.32 6.40 1.65
C GLY A 77 11.76 6.72 3.03
N PHE A 78 12.63 6.96 4.01
CA PHE A 78 12.18 7.07 5.39
C PHE A 78 11.19 8.23 5.57
N ASN A 79 11.57 9.44 5.13
CA ASN A 79 10.77 10.63 5.43
C ASN A 79 9.45 10.60 4.64
N GLU A 80 9.49 10.08 3.41
CA GLU A 80 8.24 9.79 2.70
C GLU A 80 7.37 8.87 3.55
N GLY A 81 8.02 7.85 4.12
CA GLY A 81 7.24 6.92 4.92
C GLY A 81 6.65 7.53 6.19
N LEU A 82 7.38 8.45 6.85
CA LEU A 82 6.79 9.18 7.97
C LEU A 82 5.54 9.94 7.53
N TRP A 83 5.59 10.50 6.30
CA TRP A 83 4.41 11.23 5.85
C TRP A 83 3.25 10.27 5.66
N GLU A 84 3.52 9.11 5.07
CA GLU A 84 2.47 8.18 4.73
C GLU A 84 1.81 7.66 6.00
N ILE A 85 2.59 7.32 7.02
CA ILE A 85 1.99 6.67 8.17
C ILE A 85 1.11 7.67 8.92
N GLN A 86 1.47 8.96 8.85
CA GLN A 86 0.75 9.99 9.60
C GLN A 86 -0.47 10.48 8.81
N ASN A 87 -0.34 10.53 7.47
CA ASN A 87 -1.31 11.22 6.63
C ASN A 87 -2.25 10.31 5.84
N ASN A 88 -1.78 9.14 5.37
CA ASN A 88 -2.69 8.23 4.70
C ASN A 88 -2.22 6.79 4.87
N PRO A 89 -2.21 6.27 6.12
CA PRO A 89 -1.57 4.97 6.37
C PRO A 89 -2.33 3.77 5.81
N HIS A 90 -3.61 3.96 5.41
CA HIS A 90 -4.41 2.84 4.91
C HIS A 90 -4.67 2.90 3.40
N ALA A 91 -3.94 3.78 2.71
CA ALA A 91 -4.09 3.89 1.27
C ALA A 91 -3.42 2.75 0.51
N SER A 92 -3.86 2.60 -0.76
CA SER A 92 -3.19 1.74 -1.70
C SER A 92 -1.92 2.43 -2.20
N TYR A 93 -0.76 1.79 -2.01
CA TYR A 93 0.50 2.31 -2.47
C TYR A 93 1.09 1.38 -3.53
N SER A 94 0.25 0.55 -4.15
CA SER A 94 0.69 -0.24 -5.29
C SER A 94 0.90 0.69 -6.48
N MET B 2 -27.11 -23.82 -26.29
CA MET B 2 -26.29 -24.79 -27.06
C MET B 2 -25.21 -25.35 -26.13
N PRO B 3 -25.03 -26.69 -26.06
CA PRO B 3 -23.95 -27.28 -25.27
C PRO B 3 -22.62 -26.75 -25.82
N HIS B 4 -21.61 -26.58 -24.96
CA HIS B 4 -20.30 -26.14 -25.43
C HIS B 4 -19.24 -27.17 -25.09
N ALA B 5 -18.00 -26.90 -25.49
CA ALA B 5 -16.94 -27.85 -25.16
C ALA B 5 -16.95 -28.05 -23.64
N PHE B 6 -17.07 -26.93 -22.92
CA PHE B 6 -17.21 -26.93 -21.47
C PHE B 6 -18.66 -26.61 -21.10
N LYS B 7 -19.16 -27.35 -20.12
CA LYS B 7 -20.53 -27.15 -19.66
C LYS B 7 -20.49 -26.82 -18.17
N PRO B 8 -21.54 -26.13 -17.65
CA PRO B 8 -21.64 -25.78 -16.22
C PRO B 8 -21.44 -27.04 -15.41
N GLY B 9 -20.60 -26.93 -14.37
CA GLY B 9 -20.29 -28.01 -13.45
C GLY B 9 -19.01 -28.78 -13.79
N ASP B 10 -18.45 -28.58 -15.00
CA ASP B 10 -17.19 -29.20 -15.32
C ASP B 10 -16.08 -28.64 -14.41
N LEU B 11 -15.17 -29.53 -13.99
CA LEU B 11 -14.13 -29.15 -13.05
C LEU B 11 -12.85 -28.99 -13.84
N VAL B 12 -12.03 -28.01 -13.42
CA VAL B 12 -10.85 -27.63 -14.20
C VAL B 12 -9.80 -27.10 -13.24
N PHE B 13 -8.57 -26.98 -13.78
CA PHE B 13 -7.65 -25.96 -13.28
C PHE B 13 -7.68 -24.79 -14.24
N ALA B 14 -7.76 -23.56 -13.68
CA ALA B 14 -7.86 -22.36 -14.47
C ALA B 14 -6.62 -21.48 -14.25
N LYS B 15 -6.10 -20.92 -15.35
CA LYS B 15 -4.81 -20.24 -15.32
C LYS B 15 -5.02 -18.74 -15.50
N MET B 16 -4.55 -17.98 -14.50
CA MET B 16 -4.54 -16.53 -14.52
C MET B 16 -3.07 -16.07 -14.43
N LYS B 17 -2.73 -15.00 -15.17
CA LYS B 17 -1.39 -14.42 -15.09
C LYS B 17 -1.05 -14.14 -13.61
N GLY B 18 0.13 -14.59 -13.19
CA GLY B 18 0.64 -14.32 -11.85
C GLY B 18 0.23 -15.39 -10.83
N TYR B 19 -0.56 -16.41 -11.21
CA TYR B 19 -0.96 -17.41 -10.22
C TYR B 19 -0.73 -18.83 -10.74
N PRO B 20 -0.66 -19.87 -9.87
CA PRO B 20 -0.53 -21.26 -10.33
C PRO B 20 -1.87 -21.71 -10.92
N HIS B 21 -1.86 -22.69 -11.84
CA HIS B 21 -3.10 -23.32 -12.30
C HIS B 21 -4.01 -23.62 -11.09
N TRP B 22 -5.27 -23.19 -11.13
CA TRP B 22 -5.99 -23.05 -9.86
C TRP B 22 -7.25 -23.91 -9.89
N PRO B 23 -7.60 -24.72 -8.85
CA PRO B 23 -8.80 -25.58 -8.93
C PRO B 23 -10.03 -24.70 -9.10
N ALA B 24 -10.91 -25.05 -10.05
CA ALA B 24 -12.03 -24.18 -10.38
C ALA B 24 -13.14 -24.98 -11.05
N ARG B 25 -14.27 -24.29 -11.24
CA ARG B 25 -15.37 -24.94 -11.97
C ARG B 25 -15.92 -23.98 -13.00
N ILE B 26 -16.55 -24.55 -14.03
CA ILE B 26 -17.36 -23.75 -14.93
C ILE B 26 -18.71 -23.52 -14.22
N ASP B 27 -19.18 -22.28 -14.25
CA ASP B 27 -20.43 -21.88 -13.62
C ASP B 27 -21.51 -21.63 -14.68
N ASP B 28 -22.79 -21.61 -14.26
N ASP B 28 -22.79 -21.61 -14.26
CA ASP B 28 -23.88 -21.13 -15.09
CA ASP B 28 -23.88 -21.13 -15.09
C ASP B 28 -23.89 -19.60 -15.08
C ASP B 28 -23.91 -19.60 -15.06
N ILE B 29 -24.70 -19.00 -15.95
CA ILE B 29 -24.79 -17.54 -16.06
C ILE B 29 -25.68 -16.97 -14.95
N VAL B 34 -24.68 -10.06 -16.76
CA VAL B 34 -23.32 -9.83 -17.35
C VAL B 34 -22.80 -11.15 -17.92
N LYS B 35 -23.11 -11.40 -19.18
CA LYS B 35 -22.78 -12.65 -19.86
C LYS B 35 -21.27 -12.67 -20.13
N PRO B 36 -20.65 -13.86 -20.24
CA PRO B 36 -19.23 -13.94 -20.60
C PRO B 36 -18.97 -13.19 -21.91
N PRO B 37 -17.77 -12.59 -22.10
CA PRO B 37 -17.37 -12.16 -23.43
C PRO B 37 -17.37 -13.35 -24.40
N PRO B 38 -17.47 -13.11 -25.73
CA PRO B 38 -17.33 -14.19 -26.72
C PRO B 38 -16.18 -15.16 -26.47
N ASN B 39 -16.46 -16.47 -26.54
CA ASN B 39 -15.43 -17.50 -26.44
C ASN B 39 -14.98 -17.76 -25.01
N LYS B 40 -15.55 -17.03 -24.04
CA LYS B 40 -15.09 -17.18 -22.66
C LYS B 40 -16.19 -17.79 -21.81
N TYR B 41 -15.79 -18.34 -20.66
CA TYR B 41 -16.70 -19.00 -19.72
C TYR B 41 -16.63 -18.34 -18.34
N PRO B 42 -17.74 -18.33 -17.57
CA PRO B 42 -17.72 -17.90 -16.17
C PRO B 42 -17.01 -18.97 -15.36
N ILE B 43 -15.91 -18.57 -14.71
CA ILE B 43 -15.11 -19.45 -13.87
C ILE B 43 -15.33 -19.10 -12.40
N PHE B 44 -15.47 -20.13 -11.56
CA PHE B 44 -15.43 -19.94 -10.11
C PHE B 44 -14.20 -20.63 -9.57
N PHE B 45 -13.37 -19.89 -8.81
CA PHE B 45 -12.15 -20.44 -8.28
C PHE B 45 -12.41 -20.91 -6.87
N PHE B 46 -12.13 -22.19 -6.63
CA PHE B 46 -12.35 -22.76 -5.32
C PHE B 46 -11.37 -22.10 -4.34
N GLY B 47 -11.77 -22.10 -3.07
CA GLY B 47 -10.89 -21.64 -2.01
C GLY B 47 -11.01 -20.13 -1.84
N THR B 48 -10.72 -19.38 -2.91
CA THR B 48 -10.82 -17.92 -2.86
C THR B 48 -12.26 -17.51 -3.08
N HIS B 49 -12.99 -18.35 -3.83
CA HIS B 49 -14.36 -18.08 -4.24
C HIS B 49 -14.43 -16.84 -5.12
N GLU B 50 -13.33 -16.52 -5.79
CA GLU B 50 -13.37 -15.42 -6.74
C GLU B 50 -13.93 -15.94 -8.07
N THR B 51 -14.24 -15.00 -8.97
CA THR B 51 -14.75 -15.32 -10.30
C THR B 51 -13.95 -14.56 -11.34
N ALA B 52 -13.92 -15.09 -12.57
CA ALA B 52 -13.44 -14.37 -13.75
C ALA B 52 -14.02 -15.04 -14.99
N PHE B 53 -13.78 -14.40 -16.14
CA PHE B 53 -14.08 -15.01 -17.44
C PHE B 53 -12.78 -15.45 -18.12
N LEU B 54 -12.69 -16.74 -18.48
CA LEU B 54 -11.50 -17.27 -19.13
C LEU B 54 -11.91 -17.99 -20.42
N GLY B 55 -10.97 -17.99 -21.37
CA GLY B 55 -11.07 -18.73 -22.62
C GLY B 55 -10.49 -20.13 -22.45
N PRO B 56 -10.80 -21.07 -23.38
CA PRO B 56 -10.27 -22.42 -23.29
C PRO B 56 -8.77 -22.58 -23.13
N LYS B 57 -7.97 -21.67 -23.67
CA LYS B 57 -6.52 -21.85 -23.58
C LYS B 57 -6.07 -21.91 -22.12
N ASP B 58 -6.91 -21.39 -21.21
CA ASP B 58 -6.54 -21.21 -19.82
C ASP B 58 -7.29 -22.22 -18.96
N LEU B 59 -8.01 -23.15 -19.62
CA LEU B 59 -8.88 -24.07 -18.91
C LEU B 59 -8.40 -25.51 -19.11
N PHE B 60 -8.07 -26.19 -18.01
CA PHE B 60 -7.42 -27.49 -18.02
C PHE B 60 -8.37 -28.49 -17.34
N PRO B 61 -9.04 -29.39 -18.11
CA PRO B 61 -9.91 -30.42 -17.50
C PRO B 61 -9.30 -31.10 -16.28
N TYR B 62 -10.06 -31.19 -15.18
CA TYR B 62 -9.50 -31.51 -13.88
C TYR B 62 -8.94 -32.92 -13.77
N ASP B 63 -9.70 -33.90 -14.31
CA ASP B 63 -9.30 -35.30 -14.35
C ASP B 63 -7.98 -35.50 -15.09
N LYS B 64 -7.86 -34.92 -16.29
CA LYS B 64 -6.62 -35.01 -17.02
C LYS B 64 -5.44 -34.38 -16.26
N SER B 65 -5.69 -33.29 -15.53
CA SER B 65 -4.55 -32.45 -15.13
C SER B 65 -4.26 -32.46 -13.62
N LYS B 66 -5.01 -33.23 -12.81
CA LYS B 66 -4.93 -33.11 -11.36
C LYS B 66 -3.61 -33.58 -10.76
N ASP B 67 -2.95 -34.55 -11.39
CA ASP B 67 -1.71 -35.04 -10.82
C ASP B 67 -0.59 -34.00 -11.02
N LYS B 68 -0.69 -33.23 -12.08
CA LYS B 68 0.29 -32.22 -12.42
C LYS B 68 0.04 -30.94 -11.62
N TYR B 69 -1.22 -30.46 -11.56
CA TYR B 69 -1.50 -29.14 -11.00
C TYR B 69 -2.10 -29.24 -9.58
N GLY B 70 -2.56 -30.44 -9.18
CA GLY B 70 -3.33 -30.56 -7.95
C GLY B 70 -2.46 -30.70 -6.69
N LYS B 71 -1.34 -29.96 -6.63
CA LYS B 71 -0.40 -30.10 -5.54
C LYS B 71 -0.49 -28.88 -4.62
N PRO B 72 -0.50 -29.07 -3.29
CA PRO B 72 -0.53 -27.95 -2.35
C PRO B 72 0.60 -26.96 -2.60
N ASN B 73 0.29 -25.68 -2.33
CA ASN B 73 1.29 -24.62 -2.36
C ASN B 73 0.97 -23.64 -1.22
N LYS B 74 1.76 -22.58 -1.11
CA LYS B 74 1.58 -21.58 -0.06
C LYS B 74 0.82 -20.34 -0.55
N ARG B 75 0.07 -20.46 -1.67
CA ARG B 75 -0.82 -19.38 -2.10
C ARG B 75 -2.11 -19.43 -1.26
N LYS B 76 -2.55 -18.24 -0.82
CA LYS B 76 -3.69 -18.12 0.07
C LYS B 76 -4.96 -18.55 -0.67
N GLY B 77 -5.64 -19.51 -0.07
CA GLY B 77 -6.88 -20.06 -0.62
C GLY B 77 -6.64 -21.32 -1.47
N PHE B 78 -5.38 -21.63 -1.80
CA PHE B 78 -5.12 -22.74 -2.73
C PHE B 78 -5.44 -24.11 -2.12
N ASN B 79 -4.87 -24.45 -0.96
CA ASN B 79 -5.16 -25.72 -0.31
C ASN B 79 -6.66 -25.83 0.03
N GLU B 80 -7.32 -24.72 0.36
CA GLU B 80 -8.74 -24.80 0.64
C GLU B 80 -9.47 -25.17 -0.65
N GLY B 81 -8.98 -24.58 -1.76
CA GLY B 81 -9.50 -24.86 -3.10
C GLY B 81 -9.37 -26.33 -3.44
N LEU B 82 -8.25 -26.93 -3.03
CA LEU B 82 -8.01 -28.32 -3.36
C LEU B 82 -9.00 -29.17 -2.58
N TRP B 83 -9.29 -28.74 -1.35
CA TRP B 83 -10.25 -29.45 -0.52
C TRP B 83 -11.63 -29.40 -1.18
N GLU B 84 -12.01 -28.22 -1.69
CA GLU B 84 -13.35 -27.99 -2.22
C GLU B 84 -13.55 -28.81 -3.51
N ILE B 85 -12.57 -28.81 -4.42
CA ILE B 85 -12.78 -29.42 -5.72
C ILE B 85 -12.93 -30.94 -5.56
N GLN B 86 -12.25 -31.45 -4.55
CA GLN B 86 -12.20 -32.85 -4.14
C GLN B 86 -13.48 -33.26 -3.42
N ASN B 87 -13.99 -32.42 -2.49
CA ASN B 87 -14.93 -32.94 -1.51
C ASN B 87 -16.35 -32.40 -1.72
N ASN B 88 -16.48 -31.23 -2.36
CA ASN B 88 -17.79 -30.63 -2.56
C ASN B 88 -17.74 -29.60 -3.70
N PRO B 89 -17.36 -30.05 -4.92
CA PRO B 89 -17.23 -29.14 -6.07
C PRO B 89 -18.46 -28.40 -6.52
N HIS B 90 -19.66 -28.92 -6.20
CA HIS B 90 -20.87 -28.37 -6.79
C HIS B 90 -21.67 -27.53 -5.79
N ALA B 91 -21.09 -27.30 -4.61
CA ALA B 91 -21.76 -26.58 -3.54
C ALA B 91 -21.92 -25.10 -3.85
N SER B 92 -22.87 -24.49 -3.12
CA SER B 92 -23.01 -23.05 -3.06
C SER B 92 -21.99 -22.51 -2.06
N TYR B 93 -21.13 -21.63 -2.58
CA TYR B 93 -20.08 -20.96 -1.84
C TYR B 93 -20.50 -19.49 -1.67
N SER B 94 -21.80 -19.24 -1.89
CA SER B 94 -22.45 -17.98 -1.56
C SER B 94 -21.93 -17.51 -0.18
N HIS C 4 -4.05 37.89 0.50
CA HIS C 4 -4.15 37.36 1.89
C HIS C 4 -3.39 38.30 2.82
N ALA C 5 -2.73 37.71 3.82
CA ALA C 5 -1.95 38.43 4.81
C ALA C 5 -0.95 37.46 5.43
N PHE C 6 0.25 37.96 5.79
CA PHE C 6 1.25 37.10 6.39
C PHE C 6 2.10 37.90 7.37
N LYS C 7 2.28 37.36 8.57
CA LYS C 7 3.24 37.89 9.52
C LYS C 7 4.27 36.80 9.79
N PRO C 8 5.35 37.07 10.57
CA PRO C 8 6.36 36.07 10.86
C PRO C 8 5.79 34.89 11.63
N GLY C 9 6.06 33.67 11.15
CA GLY C 9 5.62 32.46 11.82
C GLY C 9 4.50 31.75 11.05
N ASP C 10 3.81 32.49 10.18
CA ASP C 10 2.77 31.93 9.32
C ASP C 10 3.32 30.78 8.48
N LEU C 11 2.62 29.65 8.48
CA LEU C 11 3.05 28.47 7.75
C LEU C 11 2.43 28.51 6.37
N VAL C 12 3.22 28.20 5.32
CA VAL C 12 2.75 28.34 3.95
C VAL C 12 3.38 27.22 3.11
N PHE C 13 2.88 27.04 1.87
CA PHE C 13 3.64 26.48 0.76
C PHE C 13 4.09 27.64 -0.14
N ALA C 14 5.37 27.60 -0.55
CA ALA C 14 5.97 28.73 -1.24
C ALA C 14 6.42 28.23 -2.60
N LYS C 15 6.03 28.96 -3.66
CA LYS C 15 6.32 28.51 -5.02
C LYS C 15 7.42 29.35 -5.65
N MET C 16 8.54 28.70 -6.01
CA MET C 16 9.58 29.32 -6.82
C MET C 16 9.65 28.64 -8.18
N LYS C 17 10.03 29.39 -9.21
CA LYS C 17 10.21 28.76 -10.51
C LYS C 17 11.27 27.65 -10.38
N GLY C 18 10.96 26.49 -10.93
CA GLY C 18 11.93 25.40 -10.97
C GLY C 18 11.71 24.42 -9.82
N TYR C 19 10.71 24.69 -8.97
CA TYR C 19 10.51 23.90 -7.75
C TYR C 19 9.03 23.67 -7.50
N PRO C 20 8.68 22.52 -6.89
CA PRO C 20 7.30 22.26 -6.49
C PRO C 20 6.94 23.19 -5.34
N HIS C 21 5.64 23.40 -5.12
CA HIS C 21 5.19 24.19 -4.00
C HIS C 21 5.80 23.57 -2.74
N TRP C 22 6.46 24.41 -1.93
CA TRP C 22 7.40 23.90 -0.94
C TRP C 22 6.94 24.27 0.46
N PRO C 23 6.98 23.35 1.44
CA PRO C 23 6.58 23.73 2.80
C PRO C 23 7.52 24.77 3.41
N ALA C 24 6.95 25.84 3.96
CA ALA C 24 7.76 26.99 4.36
C ALA C 24 7.09 27.78 5.49
N ARG C 25 7.80 28.77 6.03
CA ARG C 25 7.19 29.76 6.90
C ARG C 25 7.66 31.17 6.48
N ILE C 26 6.90 32.17 6.92
CA ILE C 26 7.30 33.58 6.85
C ILE C 26 8.28 33.84 7.98
N ASP C 27 9.47 34.35 7.63
CA ASP C 27 10.50 34.75 8.58
C ASP C 27 10.28 36.19 9.05
N PRO C 36 14.89 43.70 1.98
CA PRO C 36 13.78 43.06 1.28
C PRO C 36 13.40 43.89 0.05
N PRO C 37 13.22 43.27 -1.13
CA PRO C 37 12.72 43.99 -2.30
C PRO C 37 11.28 44.38 -2.02
N PRO C 38 10.75 45.44 -2.67
CA PRO C 38 9.38 45.90 -2.45
C PRO C 38 8.37 44.77 -2.63
N ASN C 39 7.52 44.60 -1.61
CA ASN C 39 6.36 43.71 -1.64
C ASN C 39 6.80 42.25 -1.64
N LYS C 40 7.97 41.98 -1.04
CA LYS C 40 8.44 40.61 -0.86
C LYS C 40 8.52 40.25 0.62
N TYR C 41 8.22 38.98 0.92
CA TYR C 41 8.31 38.45 2.27
C TYR C 41 9.56 37.62 2.37
N PRO C 42 10.19 37.54 3.57
CA PRO C 42 11.33 36.66 3.77
C PRO C 42 10.79 35.27 4.09
N ILE C 43 11.26 34.29 3.32
CA ILE C 43 10.73 32.93 3.41
C ILE C 43 11.80 31.99 3.94
N PHE C 44 11.40 31.11 4.87
CA PHE C 44 12.26 30.01 5.28
C PHE C 44 11.63 28.71 4.78
N PHE C 45 12.46 27.90 4.14
CA PHE C 45 12.02 26.65 3.52
C PHE C 45 12.33 25.48 4.45
N PHE C 46 11.29 24.72 4.80
CA PHE C 46 11.51 23.52 5.60
C PHE C 46 12.30 22.50 4.78
N GLY C 47 13.00 21.61 5.51
CA GLY C 47 13.75 20.55 4.88
C GLY C 47 15.11 21.03 4.39
N THR C 48 15.11 21.97 3.43
CA THR C 48 16.39 22.49 2.95
C THR C 48 16.93 23.52 3.94
N HIS C 49 16.04 24.17 4.67
CA HIS C 49 16.37 25.28 5.56
C HIS C 49 17.08 26.42 4.82
N GLU C 50 16.70 26.65 3.56
CA GLU C 50 17.19 27.79 2.80
C GLU C 50 16.22 28.97 2.93
N THR C 51 16.65 30.16 2.50
CA THR C 51 15.83 31.36 2.57
C THR C 51 15.78 32.00 1.17
N ALA C 52 14.71 32.75 0.92
CA ALA C 52 14.55 33.55 -0.28
C ALA C 52 13.54 34.65 0.01
N PHE C 53 13.35 35.55 -0.95
CA PHE C 53 12.30 36.57 -0.87
C PHE C 53 11.24 36.23 -1.90
N LEU C 54 9.95 36.25 -1.49
CA LEU C 54 8.90 35.93 -2.46
C LEU C 54 7.72 36.88 -2.22
N GLY C 55 6.99 37.16 -3.29
CA GLY C 55 5.75 37.94 -3.23
C GLY C 55 4.52 37.11 -2.86
N PRO C 56 3.42 37.80 -2.52
CA PRO C 56 2.21 37.17 -2.00
C PRO C 56 1.56 36.14 -2.91
N LYS C 57 1.73 36.33 -4.22
CA LYS C 57 1.11 35.46 -5.20
C LYS C 57 1.77 34.07 -5.18
N ASP C 58 2.96 33.99 -4.56
CA ASP C 58 3.74 32.76 -4.57
C ASP C 58 3.58 31.97 -3.27
N LEU C 59 2.67 32.44 -2.39
CA LEU C 59 2.53 31.89 -1.05
C LEU C 59 1.11 31.39 -0.83
N PHE C 60 0.99 30.29 -0.08
CA PHE C 60 -0.28 29.59 0.13
C PHE C 60 -0.37 29.22 1.61
N PRO C 61 -1.42 29.68 2.36
CA PRO C 61 -1.50 29.40 3.79
C PRO C 61 -1.50 27.89 3.93
N TYR C 62 -0.71 27.40 4.89
CA TYR C 62 -0.46 25.97 5.01
C TYR C 62 -1.75 25.20 5.25
N ASP C 63 -2.60 25.68 6.17
CA ASP C 63 -3.76 24.88 6.56
C ASP C 63 -4.70 24.71 5.39
N LYS C 64 -4.82 25.74 4.55
CA LYS C 64 -5.81 25.81 3.49
C LYS C 64 -5.36 25.01 2.27
N SER C 65 -4.04 24.87 2.05
CA SER C 65 -3.62 24.24 0.81
C SER C 65 -2.89 22.93 1.03
N LYS C 66 -2.70 22.48 2.28
CA LYS C 66 -1.98 21.22 2.49
C LYS C 66 -2.62 20.03 1.79
N ASP C 67 -3.95 20.03 1.61
CA ASP C 67 -4.62 18.92 0.95
C ASP C 67 -4.11 18.78 -0.48
N LYS C 68 -3.80 19.91 -1.13
CA LYS C 68 -3.29 19.92 -2.49
C LYS C 68 -1.76 19.81 -2.56
N TYR C 69 -1.01 20.53 -1.70
CA TYR C 69 0.44 20.58 -1.91
C TYR C 69 1.20 19.71 -0.91
N GLY C 70 0.52 19.30 0.16
CA GLY C 70 1.27 18.56 1.18
C GLY C 70 1.20 17.08 0.83
N LYS C 71 2.01 16.68 -0.14
CA LYS C 71 2.12 15.30 -0.60
C LYS C 71 3.58 15.10 -0.93
N PRO C 72 4.13 13.88 -0.71
CA PRO C 72 5.55 13.66 -0.92
C PRO C 72 6.01 13.94 -2.36
N ASN C 73 7.28 14.29 -2.47
CA ASN C 73 7.91 14.12 -3.75
C ASN C 73 9.40 13.91 -3.52
N LYS C 74 10.11 13.68 -4.61
CA LYS C 74 11.47 13.16 -4.52
C LYS C 74 12.51 14.25 -4.42
N ARG C 75 12.11 15.53 -4.55
CA ARG C 75 13.12 16.58 -4.57
C ARG C 75 13.85 16.62 -3.22
N LYS C 76 15.15 16.95 -3.28
CA LYS C 76 16.04 16.95 -2.13
C LYS C 76 15.46 17.80 -1.00
N GLY C 77 15.28 17.16 0.17
CA GLY C 77 14.90 17.86 1.38
C GLY C 77 13.39 18.04 1.54
N PHE C 78 12.60 17.67 0.53
CA PHE C 78 11.17 18.00 0.52
C PHE C 78 10.39 17.24 1.61
N ASN C 79 10.63 15.93 1.72
CA ASN C 79 9.85 15.10 2.61
C ASN C 79 10.22 15.38 4.07
N GLU C 80 11.50 15.64 4.34
CA GLU C 80 11.90 16.12 5.65
C GLU C 80 11.19 17.46 5.91
N GLY C 81 11.10 18.32 4.87
CA GLY C 81 10.36 19.57 5.09
C GLY C 81 8.90 19.34 5.47
N LEU C 82 8.28 18.29 4.88
CA LEU C 82 6.88 18.00 5.15
C LEU C 82 6.77 17.55 6.62
N TRP C 83 7.77 16.80 7.06
CA TRP C 83 7.77 16.37 8.45
C TRP C 83 7.85 17.59 9.39
N GLU C 84 8.74 18.54 9.06
CA GLU C 84 8.98 19.73 9.88
C GLU C 84 7.73 20.60 10.02
N ILE C 85 7.02 20.86 8.91
CA ILE C 85 5.90 21.79 8.89
C ILE C 85 4.69 21.29 9.71
N GLN C 86 4.48 19.96 9.71
CA GLN C 86 3.39 19.34 10.45
C GLN C 86 3.79 19.05 11.90
N ASN C 87 5.07 18.76 12.14
CA ASN C 87 5.47 18.18 13.42
C ASN C 87 6.32 19.12 14.26
N ASN C 88 7.11 20.02 13.62
CA ASN C 88 7.99 20.88 14.40
C ASN C 88 8.16 22.22 13.69
N PRO C 89 7.07 22.93 13.38
CA PRO C 89 7.14 24.07 12.46
C PRO C 89 7.85 25.33 12.98
N HIS C 90 7.95 25.47 14.30
CA HIS C 90 8.51 26.70 14.83
C HIS C 90 9.78 26.42 15.63
N ALA C 91 10.52 25.38 15.23
CA ALA C 91 11.86 25.12 15.75
C ALA C 91 12.89 25.95 14.98
N SER C 92 14.14 25.93 15.47
CA SER C 92 15.19 26.86 15.06
C SER C 92 15.82 26.47 13.73
N TYR C 93 16.16 25.19 13.60
CA TYR C 93 16.87 24.64 12.44
C TYR C 93 18.08 25.50 12.12
S SO4 D . 20.52 4.84 1.65
O1 SO4 D . 20.33 4.26 0.35
O2 SO4 D . 19.48 4.37 2.55
O3 SO4 D . 21.80 4.44 2.17
O4 SO4 D . 20.48 6.28 1.57
S SO4 E . 20.98 -2.06 13.89
O1 SO4 E . 20.86 -3.44 13.50
O2 SO4 E . 20.44 -1.89 15.22
O3 SO4 E . 22.36 -1.67 13.87
O4 SO4 E . 20.24 -1.22 12.99
C1 EDO F . 0.36 -1.41 -0.80
O1 EDO F . -0.96 -0.96 -1.01
C2 EDO F . 0.38 -2.87 -0.43
O2 EDO F . -0.11 -3.16 0.86
N1 I8G G . 13.06 -2.72 4.27
C4 I8G G . 12.32 -5.99 1.37
C5 I8G G . 11.83 -4.60 3.28
C6 I8G G . 13.10 -4.01 3.88
C7 I8G G . 12.15 -1.64 3.79
C8 I8G G . 12.61 -0.41 4.55
C10 I8G G . 14.00 -2.21 5.27
F1 I8G G . 12.91 -5.96 -2.68
C1 I8G G . 12.70 -5.96 -1.33
C2 I8G G . 11.72 -6.78 -0.82
C3 I8G G . 11.54 -6.80 0.55
O1 I8G G . 12.09 -5.90 2.73
O2 I8G G . 14.10 -4.70 3.99
C9 I8G G . 13.32 -0.96 5.79
C11 I8G G . 13.31 -5.20 0.83
C12 I8G G . 13.51 -5.18 -0.54
S SO4 H . 12.73 10.32 1.60
O1 SO4 H . 11.55 9.62 1.29
O2 SO4 H . 13.83 9.73 0.86
O3 SO4 H . 12.58 11.70 1.23
O4 SO4 H . 12.98 10.20 3.00
C1 EDO I . -6.69 -16.87 -8.98
O1 EDO I . -6.75 -15.48 -8.67
C2 EDO I . -7.32 -17.69 -7.90
O2 EDO I . -8.40 -17.04 -7.27
S SO4 J . -4.91 -22.19 2.34
O1 SO4 J . -6.14 -22.56 1.64
O2 SO4 J . -3.78 -22.73 1.64
O3 SO4 J . -4.80 -20.74 2.46
O4 SO4 J . -4.92 -22.78 3.65
S SO4 K . 2.82 -16.46 -14.56
O1 SO4 K . 1.63 -15.70 -14.80
O2 SO4 K . 3.48 -16.70 -15.83
O3 SO4 K . 3.70 -15.73 -13.70
O4 SO4 K . 2.52 -17.72 -13.95
C1 EDO L . 13.90 24.25 -2.58
O1 EDO L . 15.11 23.51 -2.67
C2 EDO L . 13.59 24.84 -1.22
O2 EDO L . 14.72 25.36 -0.55
S SO4 M . 6.46 26.00 -14.01
O1 SO4 M . 5.09 26.29 -14.37
O2 SO4 M . 6.74 24.61 -14.26
O3 SO4 M . 7.33 26.81 -14.81
O4 SO4 M . 6.67 26.28 -12.61
#